data_4X69
#
_entry.id   4X69
#
_cell.length_a   51.533
_cell.length_b   72.982
_cell.length_c   63.052
_cell.angle_alpha   90.000
_cell.angle_beta   109.290
_cell.angle_gamma   90.000
#
_symmetry.space_group_name_H-M   'P 1 21 1'
#
loop_
_entity.id
_entity.type
_entity.pdbx_description
1 polymer 'Beta-lactamase Toho-1'
2 non-polymer (2S,5R)-N-(2-aminoethoxy)-1-formyl-5-[(sulfooxy)amino]piperidine-2-carboxamide
3 non-polymer 1,2-ETHANEDIOL
4 water water
#
_entity_poly.entity_id   1
_entity_poly.type   'polypeptide(L)'
_entity_poly.pdbx_seq_one_letter_code
;GNSVQQQLEALEKSSGGRLGVALINTADNSQILYRADERFAMCSTSKVMAAAAVLKQSESDKHLLNQRVEIKKSDLVNYN
PIAEKHVNGTMTLAELGAAALQYSDNTAMNKLIAHLGGPDKVTAFARSLGDETFRLDRTEPTLNTAIPGDPRDTTTPLAM
AQTLKNLTLGKALAETQRAQLVTWLKGNTTGSASIRAGLPKSWVVGDKTGSGDYGTTNDIAVIWPENHAPLVLVTYFTQP
EQKAERRRDILAAAAKIVTHGF
;
_entity_poly.pdbx_strand_id   A,B
#
loop_
_chem_comp.id
_chem_comp.type
_chem_comp.name
_chem_comp.formula
EDO non-polymer 1,2-ETHANEDIOL 'C2 H6 O2'
OP0 non-polymer (2S,5R)-N-(2-aminoethoxy)-1-formyl-5-[(sulfooxy)amino]piperidine-2-carboxamide 'C9 H18 N4 O7 S'
#
# COMPACT_ATOMS: atom_id res chain seq x y z
N ASN A 2 -30.19 16.38 -11.07
CA ASN A 2 -30.42 15.57 -9.83
C ASN A 2 -29.34 15.80 -8.75
N SER A 3 -29.56 15.26 -7.55
CA SER A 3 -28.69 15.52 -6.40
C SER A 3 -27.28 14.94 -6.55
N VAL A 4 -27.16 13.84 -7.29
CA VAL A 4 -25.85 13.26 -7.55
C VAL A 4 -25.01 14.22 -8.41
N GLN A 5 -25.61 14.71 -9.50
CA GLN A 5 -24.97 15.66 -10.38
C GLN A 5 -24.59 16.94 -9.65
N GLN A 6 -25.50 17.42 -8.81
CA GLN A 6 -25.21 18.59 -7.99
C GLN A 6 -24.01 18.38 -7.06
N GLN A 7 -23.92 17.20 -6.45
CA GLN A 7 -22.80 16.88 -5.57
C GLN A 7 -21.47 16.85 -6.33
N LEU A 8 -21.47 16.31 -7.54
CA LEU A 8 -20.26 16.27 -8.36
C LEU A 8 -19.81 17.68 -8.76
N GLU A 9 -20.78 18.51 -9.10
CA GLU A 9 -20.53 19.89 -9.50
C GLU A 9 -19.90 20.64 -8.34
N ALA A 10 -20.44 20.42 -7.15
CA ALA A 10 -19.96 21.06 -5.93
C ALA A 10 -18.58 20.54 -5.57
N LEU A 11 -18.35 19.24 -5.75
CA LEU A 11 -17.02 18.67 -5.48
C LEU A 11 -15.98 19.29 -6.41
N GLU A 12 -16.30 19.39 -7.69
CA GLU A 12 -15.40 20.01 -8.65
C GLU A 12 -15.13 21.49 -8.33
N LYS A 13 -16.20 22.24 -8.07
CA LYS A 13 -16.08 23.67 -7.71
C LYS A 13 -15.15 23.87 -6.51
N SER A 14 -15.30 23.03 -5.48
CA SER A 14 -14.49 23.13 -4.26
C SER A 14 -13.03 22.77 -4.48
N SER A 15 -12.76 21.96 -5.51
CA SER A 15 -11.43 21.41 -5.77
C SER A 15 -10.49 22.38 -6.46
N GLY A 16 -11.04 23.34 -7.20
CA GLY A 16 -10.23 24.23 -8.04
C GLY A 16 -9.88 23.65 -9.41
N GLY A 17 -10.26 22.39 -9.64
CA GLY A 17 -9.84 21.70 -10.84
C GLY A 17 -10.95 21.25 -11.80
N ARG A 18 -10.66 20.17 -12.51
CA ARG A 18 -11.56 19.64 -13.54
C ARG A 18 -11.71 18.15 -13.31
N LEU A 19 -12.96 17.73 -13.09
CA LEU A 19 -13.32 16.37 -12.70
C LEU A 19 -14.05 15.67 -13.81
N GLY A 20 -13.62 14.46 -14.10
CA GLY A 20 -14.28 13.62 -15.10
C GLY A 20 -14.66 12.29 -14.49
N VAL A 21 -15.94 11.93 -14.60
CA VAL A 21 -16.45 10.70 -14.02
C VAL A 21 -17.28 9.95 -15.05
N ALA A 22 -17.04 8.65 -15.16
CA ALA A 22 -17.94 7.78 -15.91
C ALA A 22 -18.17 6.52 -15.09
N LEU A 23 -19.40 6.34 -14.62
CA LEU A 23 -19.81 5.11 -13.96
C LEU A 23 -20.75 4.35 -14.87
N ILE A 24 -20.46 3.08 -15.12
CA ILE A 24 -21.38 2.21 -15.83
C ILE A 24 -21.91 1.17 -14.83
N ASN A 25 -23.23 1.16 -14.64
CA ASN A 25 -23.89 0.12 -13.83
C ASN A 25 -24.26 -1.02 -14.75
N THR A 26 -23.57 -2.16 -14.62
CA THR A 26 -23.79 -3.28 -15.56
C THR A 26 -25.09 -4.05 -15.31
N ALA A 27 -25.82 -3.72 -14.25
CA ALA A 27 -27.16 -4.32 -14.04
C ALA A 27 -28.11 -3.96 -15.18
N ASP A 28 -28.02 -2.72 -15.65
CA ASP A 28 -28.90 -2.25 -16.73
C ASP A 28 -28.23 -1.33 -17.74
N ASN A 29 -26.90 -1.21 -17.63
CA ASN A 29 -26.09 -0.29 -18.45
C ASN A 29 -26.48 1.19 -18.33
N SER A 30 -27.12 1.55 -17.22
CA SER A 30 -27.31 2.94 -16.84
C SER A 30 -25.95 3.55 -16.47
N GLN A 31 -25.86 4.87 -16.61
CA GLN A 31 -24.58 5.56 -16.42
C GLN A 31 -24.73 6.82 -15.58
N ILE A 32 -23.68 7.13 -14.83
CA ILE A 32 -23.55 8.43 -14.20
C ILE A 32 -22.31 9.04 -14.84
N LEU A 33 -22.53 10.15 -15.57
CA LEU A 33 -21.47 10.82 -16.32
C LEU A 33 -21.28 12.25 -15.87
N TYR A 34 -20.02 12.67 -15.81
CA TYR A 34 -19.70 14.06 -15.49
C TYR A 34 -18.44 14.39 -16.29
N ARG A 35 -18.57 15.32 -17.24
CA ARG A 35 -17.47 15.66 -18.17
C ARG A 35 -16.88 14.41 -18.85
N ALA A 36 -17.75 13.45 -19.12
CA ALA A 36 -17.31 12.12 -19.58
C ALA A 36 -16.88 12.08 -21.04
N ASP A 37 -17.19 13.14 -21.78
CA ASP A 37 -16.73 13.27 -23.17
C ASP A 37 -15.54 14.24 -23.30
N GLU A 38 -14.97 14.67 -22.19
CA GLU A 38 -13.79 15.55 -22.23
C GLU A 38 -12.51 14.75 -22.15
N ARG A 39 -11.46 15.22 -22.81
CA ARG A 39 -10.17 14.55 -22.74
C ARG A 39 -9.40 14.83 -21.46
N PHE A 40 -8.75 13.78 -20.95
CA PHE A 40 -7.87 13.87 -19.78
C PHE A 40 -6.64 13.03 -20.06
N ALA A 41 -5.49 13.50 -19.62
CA ALA A 41 -4.25 12.72 -19.68
C ALA A 41 -4.41 11.44 -18.84
N MET A 42 -4.16 10.29 -19.46
CA MET A 42 -4.32 8.98 -18.79
C MET A 42 -3.26 8.71 -17.75
N CYS A 43 -2.05 9.22 -17.98
CA CYS A 43 -0.90 8.90 -17.15
C CYS A 43 -0.80 7.38 -16.99
N SER A 44 -0.57 6.88 -15.78
CA SER A 44 -0.26 5.45 -15.63
C SER A 44 -1.52 4.58 -15.86
N THR A 45 -2.70 5.18 -15.95
CA THR A 45 -3.88 4.37 -16.28
C THR A 45 -3.81 3.79 -17.70
N SER A 46 -2.96 4.37 -18.54
CA SER A 46 -2.74 3.87 -19.91
C SER A 46 -2.10 2.48 -19.93
N LYS A 47 -1.51 2.08 -18.80
CA LYS A 47 -0.81 0.81 -18.75
C LYS A 47 -1.74 -0.38 -18.91
N VAL A 48 -3.01 -0.22 -18.57
CA VAL A 48 -3.99 -1.28 -18.76
C VAL A 48 -4.04 -1.67 -20.24
N MET A 49 -3.98 -0.69 -21.13
CA MET A 49 -4.08 -0.98 -22.57
C MET A 49 -2.86 -1.76 -23.07
N ALA A 50 -1.67 -1.41 -22.57
CA ALA A 50 -0.45 -2.10 -22.98
C ALA A 50 -0.42 -3.53 -22.43
N ALA A 51 -0.77 -3.72 -21.16
CA ALA A 51 -0.81 -5.07 -20.59
C ALA A 51 -1.84 -5.92 -21.32
N ALA A 52 -3.00 -5.34 -21.61
CA ALA A 52 -4.05 -6.08 -22.31
C ALA A 52 -3.63 -6.48 -23.72
N ALA A 53 -2.88 -5.61 -24.40
CA ALA A 53 -2.38 -5.92 -25.75
C ALA A 53 -1.45 -7.14 -25.75
N VAL A 54 -0.58 -7.24 -24.75
CA VAL A 54 0.28 -8.42 -24.60
C VAL A 54 -0.58 -9.66 -24.28
N LEU A 55 -1.57 -9.49 -23.41
CA LEU A 55 -2.49 -10.61 -23.15
C LEU A 55 -3.18 -11.08 -24.43
N LYS A 56 -3.60 -10.14 -25.28
CA LYS A 56 -4.20 -10.52 -26.56
C LYS A 56 -3.25 -11.38 -27.39
N GLN A 57 -1.99 -10.97 -27.46
CA GLN A 57 -1.00 -11.74 -28.17
C GLN A 57 -0.85 -13.16 -27.64
N SER A 58 -1.01 -13.32 -26.32
CA SER A 58 -0.86 -14.63 -25.71
C SER A 58 -1.98 -15.62 -26.06
N GLU A 59 -3.06 -15.11 -26.67
CA GLU A 59 -4.13 -15.98 -27.20
C GLU A 59 -3.63 -16.81 -28.38
N SER A 60 -2.65 -16.29 -29.10
CA SER A 60 -2.04 -16.99 -30.25
C SER A 60 -0.70 -17.65 -29.89
N ASP A 61 -0.11 -17.24 -28.77
CA ASP A 61 1.11 -17.86 -28.22
C ASP A 61 0.92 -18.13 -26.73
N LYS A 62 0.48 -19.35 -26.43
CA LYS A 62 0.07 -19.77 -25.09
C LYS A 62 1.10 -19.46 -24.01
N HIS A 63 2.38 -19.51 -24.38
CA HIS A 63 3.48 -19.37 -23.42
C HIS A 63 4.19 -18.02 -23.48
N LEU A 64 3.60 -17.07 -24.22
CA LEU A 64 4.20 -15.74 -24.36
C LEU A 64 4.51 -15.08 -23.00
N LEU A 65 3.64 -15.24 -22.01
CA LEU A 65 3.86 -14.59 -20.72
C LEU A 65 5.10 -15.07 -19.97
N ASN A 66 5.63 -16.23 -20.38
CA ASN A 66 6.87 -16.77 -19.83
C ASN A 66 8.13 -16.26 -20.51
N GLN A 67 7.99 -15.59 -21.64
CA GLN A 67 9.13 -15.09 -22.39
C GLN A 67 9.86 -13.99 -21.61
N ARG A 68 11.18 -14.10 -21.56
CA ARG A 68 12.02 -13.22 -20.76
C ARG A 68 12.48 -11.98 -21.52
N VAL A 69 12.63 -10.90 -20.78
CA VAL A 69 13.06 -9.61 -21.29
C VAL A 69 14.23 -9.15 -20.43
N GLU A 70 15.32 -8.76 -21.07
CA GLU A 70 16.48 -8.22 -20.36
C GLU A 70 16.22 -6.80 -19.86
N ILE A 71 16.60 -6.55 -18.61
CA ILE A 71 16.52 -5.22 -18.00
C ILE A 71 17.94 -4.67 -17.85
N LYS A 72 18.16 -3.49 -18.43
CA LYS A 72 19.48 -2.84 -18.38
C LYS A 72 19.37 -1.55 -17.59
N LYS A 73 20.50 -1.06 -17.09
CA LYS A 73 20.51 0.19 -16.34
C LYS A 73 19.92 1.34 -17.16
N SER A 74 20.23 1.36 -18.46
CA SER A 74 19.73 2.39 -19.37
C SER A 74 18.21 2.38 -19.54
N ASP A 75 17.56 1.29 -19.13
CA ASP A 75 16.10 1.17 -19.22
C ASP A 75 15.39 1.92 -18.11
N LEU A 76 16.09 2.17 -17.00
CA LEU A 76 15.48 2.76 -15.83
C LEU A 76 15.09 4.21 -16.09
N VAL A 77 13.86 4.54 -15.72
CA VAL A 77 13.35 5.89 -15.87
C VAL A 77 13.09 6.50 -14.48
N ASN A 78 11.91 7.11 -14.27
CA ASN A 78 11.68 7.92 -13.06
C ASN A 78 11.06 7.16 -11.89
N TYR A 79 10.52 5.97 -12.13
CA TYR A 79 9.81 5.24 -11.10
C TYR A 79 9.80 3.77 -11.48
N ASN A 80 10.65 2.99 -10.81
CA ASN A 80 11.01 1.65 -11.28
C ASN A 80 11.11 0.64 -10.15
N PRO A 81 10.07 0.54 -9.29
CA PRO A 81 10.25 -0.23 -8.05
C PRO A 81 10.58 -1.70 -8.25
N ILE A 82 10.06 -2.30 -9.31
CA ILE A 82 10.33 -3.71 -9.60
C ILE A 82 11.53 -3.84 -10.52
N ALA A 83 11.53 -3.09 -11.63
CA ALA A 83 12.60 -3.23 -12.64
C ALA A 83 13.99 -2.98 -12.06
N GLU A 84 14.11 -2.04 -11.11
CA GLU A 84 15.43 -1.69 -10.56
C GLU A 84 16.02 -2.85 -9.78
N LYS A 85 15.18 -3.79 -9.37
CA LYS A 85 15.63 -4.97 -8.64
C LYS A 85 16.10 -6.08 -9.59
N HIS A 86 15.86 -5.89 -10.88
CA HIS A 86 16.19 -6.90 -11.90
C HIS A 86 17.20 -6.43 -12.94
N VAL A 87 17.89 -5.33 -12.67
CA VAL A 87 18.88 -4.79 -13.59
C VAL A 87 19.99 -5.82 -13.82
N ASN A 88 20.36 -5.99 -15.08
CA ASN A 88 21.31 -7.04 -15.52
C ASN A 88 20.81 -8.44 -15.22
N GLY A 89 19.48 -8.56 -15.17
CA GLY A 89 18.80 -9.83 -15.15
C GLY A 89 17.64 -9.75 -16.11
N THR A 90 16.65 -10.59 -15.90
CA THR A 90 15.48 -10.61 -16.78
C THR A 90 14.19 -10.59 -15.98
N MET A 91 13.13 -10.14 -16.64
CA MET A 91 11.76 -10.33 -16.15
C MET A 91 10.94 -11.00 -17.24
N THR A 92 10.02 -11.86 -16.84
CA THR A 92 9.10 -12.43 -17.82
C THR A 92 8.08 -11.39 -18.24
N LEU A 93 7.40 -11.61 -19.36
CA LEU A 93 6.34 -10.68 -19.75
C LEU A 93 5.22 -10.65 -18.72
N ALA A 94 4.94 -11.79 -18.08
CA ALA A 94 3.96 -11.81 -16.97
C ALA A 94 4.42 -10.91 -15.82
N GLU A 95 5.70 -11.00 -15.45
CA GLU A 95 6.27 -10.15 -14.41
C GLU A 95 6.22 -8.68 -14.79
N LEU A 96 6.38 -8.38 -16.07
CA LEU A 96 6.31 -7.01 -16.54
C LEU A 96 4.88 -6.46 -16.50
N GLY A 97 3.92 -7.30 -16.88
CA GLY A 97 2.52 -6.94 -16.79
C GLY A 97 2.12 -6.66 -15.35
N ALA A 98 2.51 -7.57 -14.45
CA ALA A 98 2.22 -7.41 -13.02
C ALA A 98 2.90 -6.18 -12.44
N ALA A 99 4.16 -5.97 -12.82
CA ALA A 99 4.91 -4.81 -12.33
C ALA A 99 4.26 -3.52 -12.83
N ALA A 100 3.95 -3.46 -14.13
CA ALA A 100 3.28 -2.28 -14.70
C ALA A 100 1.96 -1.97 -14.01
N LEU A 101 1.12 -2.99 -13.82
CA LEU A 101 -0.22 -2.75 -13.28
C LEU A 101 -0.25 -2.61 -11.76
N GLN A 102 0.46 -3.50 -11.06
CA GLN A 102 0.29 -3.59 -9.61
C GLN A 102 1.20 -2.67 -8.85
N TYR A 103 2.33 -2.32 -9.46
CA TYR A 103 3.31 -1.44 -8.82
C TYR A 103 3.49 -0.14 -9.56
N SER A 104 2.81 -0.01 -10.70
CA SER A 104 2.94 1.12 -11.61
C SER A 104 4.40 1.41 -11.97
N ASP A 105 5.12 0.36 -12.36
CA ASP A 105 6.52 0.47 -12.74
C ASP A 105 6.61 1.03 -14.17
N ASN A 106 7.21 2.22 -14.29
CA ASN A 106 7.32 2.89 -15.60
C ASN A 106 8.31 2.22 -16.54
N THR A 107 9.36 1.61 -16.00
CA THR A 107 10.26 0.81 -16.83
C THR A 107 9.53 -0.39 -17.41
N ALA A 108 8.77 -1.09 -16.57
CA ALA A 108 7.96 -2.20 -17.07
C ALA A 108 7.03 -1.74 -18.19
N MET A 109 6.35 -0.60 -18.01
CA MET A 109 5.53 -0.04 -19.09
C MET A 109 6.34 0.19 -20.37
N ASN A 110 7.53 0.77 -20.26
CA ASN A 110 8.35 0.97 -21.46
C ASN A 110 8.73 -0.33 -22.14
N LYS A 111 8.98 -1.36 -21.35
CA LYS A 111 9.25 -2.68 -21.93
C LYS A 111 8.04 -3.22 -22.68
N LEU A 112 6.83 -2.97 -22.15
CA LEU A 112 5.61 -3.43 -22.82
C LEU A 112 5.40 -2.65 -24.11
N ILE A 113 5.55 -1.33 -24.03
CA ILE A 113 5.45 -0.46 -25.22
C ILE A 113 6.42 -0.91 -26.32
N ALA A 114 7.68 -1.15 -25.95
CA ALA A 114 8.70 -1.54 -26.93
C ALA A 114 8.34 -2.89 -27.55
N HIS A 115 7.95 -3.85 -26.72
CA HIS A 115 7.55 -5.17 -27.16
C HIS A 115 6.46 -5.06 -28.24
N LEU A 116 5.49 -4.20 -27.99
CA LEU A 116 4.34 -4.04 -28.87
C LEU A 116 4.63 -3.27 -30.17
N GLY A 117 5.76 -2.58 -30.20
CA GLY A 117 6.16 -1.81 -31.38
C GLY A 117 6.00 -0.30 -31.27
N GLY A 118 5.70 0.19 -30.07
CA GLY A 118 5.62 1.62 -29.80
C GLY A 118 4.25 2.11 -29.37
N PRO A 119 4.16 3.39 -28.96
CA PRO A 119 2.86 3.91 -28.51
C PRO A 119 1.74 3.79 -29.55
N ASP A 120 2.09 3.96 -30.83
CA ASP A 120 1.13 3.83 -31.94
C ASP A 120 0.52 2.44 -32.00
N LYS A 121 1.29 1.43 -31.60
CA LYS A 121 0.78 0.06 -31.60
C LYS A 121 -0.10 -0.23 -30.40
N VAL A 122 0.16 0.42 -29.27
CA VAL A 122 -0.79 0.36 -28.14
C VAL A 122 -2.13 0.95 -28.60
N THR A 123 -2.05 2.09 -29.30
CA THR A 123 -3.22 2.74 -29.86
C THR A 123 -3.94 1.82 -30.85
N ALA A 124 -3.18 1.15 -31.71
CA ALA A 124 -3.78 0.23 -32.67
C ALA A 124 -4.57 -0.90 -31.99
N PHE A 125 -4.04 -1.42 -30.89
CA PHE A 125 -4.79 -2.38 -30.11
C PHE A 125 -6.12 -1.81 -29.56
N ALA A 126 -6.09 -0.60 -29.02
CA ALA A 126 -7.32 0.08 -28.59
C ALA A 126 -8.34 0.15 -29.74
N ARG A 127 -7.86 0.53 -30.93
CA ARG A 127 -8.72 0.58 -32.12
C ARG A 127 -9.36 -0.76 -32.46
N SER A 128 -8.61 -1.84 -32.27
CA SER A 128 -9.17 -3.18 -32.49
C SER A 128 -10.29 -3.56 -31.53
N LEU A 129 -10.37 -2.86 -30.40
CA LEU A 129 -11.45 -3.05 -29.44
C LEU A 129 -12.63 -2.13 -29.70
N GLY A 130 -12.54 -1.34 -30.77
CA GLY A 130 -13.56 -0.35 -31.11
C GLY A 130 -13.41 0.98 -30.35
N ASP A 131 -12.31 1.15 -29.62
CA ASP A 131 -12.02 2.41 -28.94
C ASP A 131 -11.28 3.33 -29.90
N GLU A 132 -11.99 4.37 -30.35
CA GLU A 132 -11.45 5.35 -31.29
C GLU A 132 -11.00 6.61 -30.59
N THR A 133 -11.08 6.61 -29.26
CA THR A 133 -10.80 7.78 -28.44
C THR A 133 -9.40 7.76 -27.83
N PHE A 134 -9.03 6.62 -27.25
CA PHE A 134 -7.72 6.37 -26.67
C PHE A 134 -6.61 6.73 -27.65
N ARG A 135 -5.61 7.47 -27.17
CA ARG A 135 -4.39 7.63 -27.94
C ARG A 135 -3.18 7.65 -27.03
N LEU A 136 -2.22 6.77 -27.35
CA LEU A 136 -0.92 6.80 -26.71
C LEU A 136 0.08 7.28 -27.74
N ASP A 137 0.87 8.28 -27.35
CA ASP A 137 1.77 9.00 -28.25
C ASP A 137 3.22 8.94 -27.83
N ARG A 138 3.46 8.85 -26.52
CA ARG A 138 4.81 8.91 -25.98
C ARG A 138 5.14 7.74 -25.06
N THR A 139 6.43 7.58 -24.78
CA THR A 139 6.90 6.57 -23.84
C THR A 139 6.95 7.16 -22.43
N GLU A 140 7.39 6.36 -21.46
CA GLU A 140 7.65 6.85 -20.10
C GLU A 140 9.01 7.56 -20.07
N PRO A 141 9.13 8.67 -19.33
CA PRO A 141 8.13 9.24 -18.43
C PRO A 141 7.31 10.38 -19.04
N THR A 142 7.60 10.77 -20.27
CA THR A 142 6.96 11.97 -20.79
C THR A 142 5.46 11.84 -21.04
N LEU A 143 4.93 10.62 -21.09
CA LEU A 143 3.48 10.49 -21.33
C LEU A 143 2.65 11.03 -20.15
N ASN A 144 3.32 11.33 -19.05
CA ASN A 144 2.65 11.86 -17.85
C ASN A 144 2.66 13.37 -17.69
N THR A 145 3.05 14.11 -18.73
CA THR A 145 3.15 15.58 -18.60
C THR A 145 1.79 16.24 -18.31
N ALA A 146 0.71 15.65 -18.83
CA ALA A 146 -0.68 16.07 -18.54
C ALA A 146 -0.93 17.57 -18.72
N ILE A 147 -0.37 18.13 -19.79
CA ILE A 147 -0.45 19.57 -20.04
C ILE A 147 -1.87 19.92 -20.53
N PRO A 148 -2.51 20.95 -19.94
CA PRO A 148 -3.85 21.33 -20.37
C PRO A 148 -3.94 21.62 -21.85
N GLY A 149 -4.88 20.96 -22.52
CA GLY A 149 -5.11 21.14 -23.94
C GLY A 149 -4.23 20.30 -24.86
N ASP A 150 -3.32 19.51 -24.27
CA ASP A 150 -2.46 18.60 -25.03
C ASP A 150 -3.22 17.30 -25.28
N PRO A 151 -3.44 16.95 -26.58
CA PRO A 151 -4.21 15.72 -26.84
C PRO A 151 -3.38 14.45 -26.68
N ARG A 152 -2.07 14.59 -26.55
CA ARG A 152 -1.22 13.39 -26.48
C ARG A 152 -1.51 12.58 -25.24
N ASP A 153 -1.61 11.25 -25.40
CA ASP A 153 -1.75 10.33 -24.26
C ASP A 153 -2.98 10.60 -23.45
N THR A 154 -4.09 10.85 -24.16
CA THR A 154 -5.37 11.15 -23.55
C THR A 154 -6.47 10.16 -23.94
N THR A 155 -7.51 10.15 -23.13
CA THR A 155 -8.78 9.55 -23.50
C THR A 155 -9.90 10.31 -22.77
N THR A 156 -11.15 9.88 -22.92
CA THR A 156 -12.26 10.45 -22.17
C THR A 156 -12.70 9.45 -21.11
N PRO A 157 -13.36 9.93 -20.04
CA PRO A 157 -13.79 8.97 -19.03
C PRO A 157 -14.76 7.95 -19.60
N LEU A 158 -15.68 8.38 -20.46
CA LEU A 158 -16.63 7.42 -21.05
C LEU A 158 -15.94 6.36 -21.93
N ALA A 159 -15.02 6.78 -22.79
CA ALA A 159 -14.34 5.80 -23.65
C ALA A 159 -13.56 4.81 -22.78
N MET A 160 -12.89 5.31 -21.74
CA MET A 160 -12.11 4.42 -20.90
C MET A 160 -12.98 3.47 -20.05
N ALA A 161 -14.15 3.93 -19.61
CA ALA A 161 -15.04 3.06 -18.85
C ALA A 161 -15.58 1.97 -19.76
N GLN A 162 -15.98 2.33 -20.97
CA GLN A 162 -16.48 1.35 -21.91
C GLN A 162 -15.40 0.33 -22.21
N THR A 163 -14.17 0.79 -22.47
CA THR A 163 -13.07 -0.10 -22.79
C THR A 163 -12.67 -0.97 -21.62
N LEU A 164 -12.61 -0.39 -20.42
CA LEU A 164 -12.27 -1.19 -19.24
C LEU A 164 -13.33 -2.27 -19.03
N LYS A 165 -14.61 -1.92 -19.22
CA LYS A 165 -15.68 -2.92 -19.16
C LYS A 165 -15.47 -4.03 -20.18
N ASN A 166 -15.18 -3.65 -21.42
CA ASN A 166 -14.96 -4.65 -22.48
C ASN A 166 -13.78 -5.56 -22.16
N LEU A 167 -12.72 -5.01 -21.56
CA LEU A 167 -11.50 -5.77 -21.27
C LEU A 167 -11.68 -6.76 -20.11
N THR A 168 -12.38 -6.33 -19.07
CA THR A 168 -12.48 -7.09 -17.83
C THR A 168 -13.76 -7.94 -17.73
N LEU A 169 -14.80 -7.52 -18.43
CA LEU A 169 -16.10 -8.18 -18.31
C LEU A 169 -16.68 -8.58 -19.66
N GLY A 170 -16.19 -7.99 -20.74
CA GLY A 170 -16.74 -8.20 -22.08
C GLY A 170 -15.84 -9.00 -22.98
N LYS A 171 -15.94 -8.81 -24.30
CA LYS A 171 -15.32 -9.77 -25.24
C LYS A 171 -13.98 -9.39 -25.88
N ALA A 172 -13.27 -8.44 -25.28
CA ALA A 172 -12.00 -7.99 -25.82
C ALA A 172 -10.93 -9.09 -25.79
N LEU A 173 -10.89 -9.84 -24.70
CA LEU A 173 -9.92 -10.91 -24.49
C LEU A 173 -10.63 -12.25 -24.36
N ALA A 174 -9.97 -13.34 -24.76
CA ALA A 174 -10.45 -14.69 -24.45
C ALA A 174 -10.45 -14.88 -22.95
N GLU A 175 -11.22 -15.86 -22.46
CA GLU A 175 -11.44 -16.01 -21.04
C GLU A 175 -10.19 -16.05 -20.15
N THR A 176 -9.21 -16.90 -20.49
CA THR A 176 -8.06 -17.05 -19.61
C THR A 176 -7.31 -15.71 -19.47
N GLN A 177 -7.23 -14.99 -20.59
CA GLN A 177 -6.56 -13.70 -20.64
C GLN A 177 -7.34 -12.62 -19.87
N ARG A 178 -8.67 -12.59 -20.05
CA ARG A 178 -9.54 -11.71 -19.26
C ARG A 178 -9.37 -11.94 -17.77
N ALA A 179 -9.42 -13.20 -17.36
CA ALA A 179 -9.21 -13.56 -15.98
C ALA A 179 -7.84 -13.10 -15.47
N GLN A 180 -6.80 -13.22 -16.31
CA GLN A 180 -5.46 -12.76 -15.93
C GLN A 180 -5.43 -11.24 -15.71
N LEU A 181 -6.08 -10.50 -16.60
CA LEU A 181 -6.13 -9.04 -16.42
C LEU A 181 -6.82 -8.68 -15.11
N VAL A 182 -7.95 -9.33 -14.82
CA VAL A 182 -8.70 -9.07 -13.60
C VAL A 182 -7.86 -9.42 -12.35
N THR A 183 -7.14 -10.55 -12.41
CA THR A 183 -6.25 -10.93 -11.31
C THR A 183 -5.20 -9.86 -11.03
N TRP A 184 -4.58 -9.34 -12.08
CA TRP A 184 -3.63 -8.27 -11.94
C TRP A 184 -4.24 -7.03 -11.28
N LEU A 185 -5.39 -6.59 -11.79
CA LEU A 185 -6.01 -5.38 -11.27
C LEU A 185 -6.45 -5.53 -9.82
N LYS A 186 -6.96 -6.71 -9.48
CA LYS A 186 -7.36 -6.99 -8.09
C LYS A 186 -6.18 -6.96 -7.12
N GLY A 187 -4.99 -7.25 -7.64
CA GLY A 187 -3.77 -7.25 -6.85
C GLY A 187 -3.04 -5.91 -6.83
N ASN A 188 -3.66 -4.85 -7.35
CA ASN A 188 -3.03 -3.53 -7.30
C ASN A 188 -2.54 -3.12 -5.91
N THR A 189 -1.36 -2.49 -5.83
CA THR A 189 -0.81 -2.06 -4.55
C THR A 189 -0.81 -0.55 -4.32
N THR A 190 -1.49 0.21 -5.19
CA THR A 190 -1.40 1.68 -5.17
C THR A 190 -2.77 2.38 -5.08
N GLY A 191 -3.84 1.61 -4.95
CA GLY A 191 -5.18 2.15 -5.12
C GLY A 191 -6.07 2.30 -3.90
N SER A 192 -5.51 2.12 -2.70
CA SER A 192 -6.34 2.14 -1.48
C SER A 192 -6.85 3.53 -1.08
N ALA A 193 -6.17 4.58 -1.52
CA ALA A 193 -6.58 5.95 -1.19
C ALA A 193 -7.46 6.59 -2.28
N SER A 194 -7.70 5.87 -3.36
CA SER A 194 -8.42 6.45 -4.50
C SER A 194 -9.85 5.93 -4.55
N ILE A 195 -10.29 5.34 -5.67
CA ILE A 195 -11.67 4.86 -5.75
C ILE A 195 -12.04 3.95 -4.58
N ARG A 196 -11.16 3.01 -4.26
N ARG A 196 -11.17 3.01 -4.24
CA ARG A 196 -11.38 2.07 -3.14
CA ARG A 196 -11.45 2.06 -3.15
C ARG A 196 -11.80 2.75 -1.85
C ARG A 196 -11.79 2.74 -1.83
N ALA A 197 -11.20 3.90 -1.56
CA ALA A 197 -11.47 4.59 -0.31
C ALA A 197 -12.89 5.15 -0.18
N GLY A 198 -13.60 5.29 -1.31
CA GLY A 198 -14.99 5.74 -1.29
C GLY A 198 -16.02 4.61 -1.31
N LEU A 199 -15.57 3.36 -1.26
CA LEU A 199 -16.45 2.18 -1.38
C LEU A 199 -16.49 1.35 -0.10
N PRO A 200 -17.61 0.64 0.16
CA PRO A 200 -17.69 -0.26 1.31
C PRO A 200 -16.56 -1.26 1.30
N LYS A 201 -16.03 -1.58 2.48
CA LYS A 201 -14.90 -2.49 2.62
C LYS A 201 -15.21 -3.91 2.13
N SER A 202 -16.49 -4.28 2.12
CA SER A 202 -16.91 -5.62 1.70
C SER A 202 -16.84 -5.84 0.18
N TRP A 203 -16.75 -4.75 -0.58
CA TRP A 203 -16.73 -4.85 -2.05
C TRP A 203 -15.35 -5.20 -2.58
N VAL A 204 -15.33 -6.00 -3.63
CA VAL A 204 -14.08 -6.39 -4.27
C VAL A 204 -13.83 -5.39 -5.40
N VAL A 205 -12.57 -4.96 -5.52
CA VAL A 205 -12.18 -3.93 -6.49
C VAL A 205 -10.90 -4.34 -7.22
N GLY A 206 -10.88 -4.15 -8.53
CA GLY A 206 -9.63 -4.13 -9.29
C GLY A 206 -9.47 -2.75 -9.88
N ASP A 207 -8.29 -2.15 -9.76
CA ASP A 207 -8.15 -0.78 -10.26
C ASP A 207 -6.73 -0.53 -10.76
N LYS A 208 -6.59 0.55 -11.52
CA LYS A 208 -5.28 1.07 -11.92
C LYS A 208 -5.31 2.59 -11.75
N THR A 209 -4.41 3.09 -10.92
CA THR A 209 -4.27 4.51 -10.64
C THR A 209 -3.31 5.17 -11.64
N GLY A 210 -3.24 6.49 -11.58
CA GLY A 210 -2.18 7.23 -12.25
C GLY A 210 -2.11 8.62 -11.67
N SER A 211 -0.98 9.29 -11.87
N SER A 211 -0.97 9.27 -11.87
CA SER A 211 -0.87 10.69 -11.52
CA SER A 211 -0.72 10.65 -11.43
C SER A 211 0.10 11.33 -12.48
C SER A 211 0.12 11.33 -12.49
N GLY A 212 0.08 12.66 -12.53
CA GLY A 212 0.92 13.39 -13.44
C GLY A 212 1.13 14.80 -12.97
N ASP A 213 1.80 15.57 -13.81
CA ASP A 213 1.90 16.99 -13.59
C ASP A 213 0.49 17.59 -13.62
N TYR A 214 0.38 18.87 -13.28
CA TYR A 214 -0.93 19.52 -13.18
C TYR A 214 -1.83 18.86 -12.12
N GLY A 215 -1.20 18.30 -11.09
CA GLY A 215 -1.95 17.65 -10.00
C GLY A 215 -2.90 16.58 -10.51
N THR A 216 -2.53 15.97 -11.63
CA THR A 216 -3.39 14.99 -12.28
C THR A 216 -3.47 13.74 -11.40
N THR A 217 -4.69 13.33 -11.13
CA THR A 217 -4.93 12.22 -10.19
C THR A 217 -6.02 11.37 -10.78
N ASN A 218 -5.70 10.11 -11.09
CA ASN A 218 -6.58 9.25 -11.87
C ASN A 218 -6.80 7.89 -11.23
N ASP A 219 -7.92 7.25 -11.56
CA ASP A 219 -8.13 5.87 -11.16
C ASP A 219 -9.20 5.30 -12.06
N ILE A 220 -9.00 4.07 -12.50
CA ILE A 220 -10.01 3.34 -13.25
C ILE A 220 -10.24 1.98 -12.57
N ALA A 221 -11.50 1.60 -12.38
CA ALA A 221 -11.80 0.45 -11.55
C ALA A 221 -12.97 -0.38 -12.05
N VAL A 222 -12.89 -1.68 -11.76
CA VAL A 222 -14.01 -2.60 -11.85
C VAL A 222 -14.36 -2.99 -10.42
N ILE A 223 -15.65 -2.93 -10.11
CA ILE A 223 -16.13 -2.99 -8.74
C ILE A 223 -17.17 -4.10 -8.69
N TRP A 224 -17.01 -5.02 -7.74
CA TRP A 224 -17.97 -6.10 -7.55
C TRP A 224 -18.67 -5.89 -6.21
N PRO A 225 -19.86 -5.27 -6.23
CA PRO A 225 -20.55 -5.03 -4.96
C PRO A 225 -21.18 -6.30 -4.44
N GLU A 226 -21.47 -6.36 -3.14
CA GLU A 226 -22.21 -7.51 -2.62
C GLU A 226 -23.57 -7.57 -3.31
N ASN A 227 -23.97 -8.78 -3.69
CA ASN A 227 -25.35 -9.07 -4.13
C ASN A 227 -25.80 -8.25 -5.34
N HIS A 228 -24.85 -7.88 -6.21
CA HIS A 228 -25.17 -7.04 -7.34
C HIS A 228 -24.18 -7.19 -8.50
N ALA A 229 -24.64 -6.86 -9.71
CA ALA A 229 -23.79 -6.81 -10.90
C ALA A 229 -22.65 -5.80 -10.75
N PRO A 230 -21.54 -6.04 -11.45
CA PRO A 230 -20.42 -5.12 -11.31
C PRO A 230 -20.72 -3.69 -11.78
N LEU A 231 -19.92 -2.79 -11.23
CA LEU A 231 -19.91 -1.40 -11.70
C LEU A 231 -18.55 -1.11 -12.29
N VAL A 232 -18.48 -0.27 -13.32
CA VAL A 232 -17.18 0.13 -13.88
C VAL A 232 -17.06 1.64 -13.73
N LEU A 233 -15.98 2.08 -13.11
CA LEU A 233 -15.84 3.49 -12.75
C LEU A 233 -14.51 4.09 -13.17
N VAL A 234 -14.58 5.21 -13.88
CA VAL A 234 -13.41 6.02 -14.21
C VAL A 234 -13.54 7.36 -13.49
N THR A 235 -12.53 7.71 -12.70
CA THR A 235 -12.46 9.05 -12.09
C THR A 235 -11.14 9.69 -12.48
N TYR A 236 -11.20 10.72 -13.31
CA TYR A 236 -10.03 11.47 -13.72
C TYR A 236 -10.13 12.88 -13.13
N PHE A 237 -9.02 13.40 -12.61
CA PHE A 237 -9.02 14.73 -12.02
C PHE A 237 -7.74 15.45 -12.38
N THR A 238 -7.85 16.75 -12.66
CA THR A 238 -6.66 17.52 -13.00
C THR A 238 -6.84 18.97 -12.62
N GLN A 239 -5.72 19.68 -12.49
CA GLN A 239 -5.73 21.01 -11.94
C GLN A 239 -5.00 21.95 -12.91
N PRO A 240 -5.21 23.28 -12.77
CA PRO A 240 -4.68 24.16 -13.80
C PRO A 240 -3.22 24.57 -13.65
N GLU A 241 -2.60 24.23 -12.54
CA GLU A 241 -1.20 24.60 -12.30
C GLU A 241 -0.27 23.40 -12.33
N GLN A 242 0.86 23.56 -13.01
CA GLN A 242 1.81 22.48 -13.24
C GLN A 242 2.21 21.73 -11.97
N LYS A 243 2.39 22.47 -10.88
CA LYS A 243 2.91 21.86 -9.66
C LYS A 243 1.86 21.64 -8.55
N ALA A 244 0.58 21.59 -8.94
CA ALA A 244 -0.48 21.30 -7.99
C ALA A 244 -0.28 19.91 -7.36
N GLU A 245 -0.73 19.76 -6.12
CA GLU A 245 -0.55 18.49 -5.45
C GLU A 245 -1.59 17.47 -5.90
N ARG A 246 -1.19 16.21 -5.85
CA ARG A 246 -2.06 15.07 -6.10
C ARG A 246 -3.23 15.08 -5.11
N ARG A 247 -4.42 14.73 -5.59
CA ARG A 247 -5.65 14.75 -4.76
C ARG A 247 -6.45 13.44 -4.85
N ARG A 248 -5.90 12.36 -4.30
CA ARG A 248 -6.59 11.07 -4.33
C ARG A 248 -7.92 11.11 -3.56
N ASP A 249 -8.00 11.98 -2.56
CA ASP A 249 -9.22 12.18 -1.79
C ASP A 249 -10.41 12.65 -2.63
N ILE A 250 -10.12 13.37 -3.71
CA ILE A 250 -11.18 13.81 -4.60
C ILE A 250 -11.77 12.62 -5.35
N LEU A 251 -10.92 11.67 -5.71
CA LEU A 251 -11.41 10.48 -6.40
C LEU A 251 -12.24 9.61 -5.46
N ALA A 252 -11.78 9.45 -4.22
CA ALA A 252 -12.54 8.70 -3.22
C ALA A 252 -13.91 9.34 -3.00
N ALA A 253 -13.94 10.67 -2.94
CA ALA A 253 -15.20 11.39 -2.73
C ALA A 253 -16.15 11.20 -3.91
N ALA A 254 -15.63 11.29 -5.13
CA ALA A 254 -16.45 11.08 -6.32
C ALA A 254 -17.00 9.66 -6.35
N ALA A 255 -16.16 8.68 -6.03
CA ALA A 255 -16.57 7.28 -5.97
C ALA A 255 -17.71 7.07 -4.96
N LYS A 256 -17.63 7.73 -3.80
CA LYS A 256 -18.67 7.59 -2.80
C LYS A 256 -19.97 8.23 -3.26
N ILE A 257 -19.88 9.41 -3.87
CA ILE A 257 -21.08 10.09 -4.38
C ILE A 257 -21.84 9.24 -5.38
N VAL A 258 -21.14 8.57 -6.30
CA VAL A 258 -21.82 7.91 -7.42
C VAL A 258 -22.20 6.45 -7.16
N THR A 259 -21.83 5.88 -6.01
CA THR A 259 -22.09 4.45 -5.74
C THR A 259 -23.09 4.16 -4.61
N HIS A 260 -23.92 5.12 -4.24
CA HIS A 260 -24.93 4.88 -3.22
C HIS A 260 -26.05 3.98 -3.76
N GLY A 261 -26.75 3.31 -2.84
CA GLY A 261 -27.90 2.48 -3.19
C GLY A 261 -27.58 1.02 -3.49
N PHE A 262 -26.30 0.68 -3.58
CA PHE A 262 -25.89 -0.70 -3.86
C PHE A 262 -25.53 -1.43 -2.58
N ASN B 2 -18.78 10.79 19.66
CA ASN B 2 -18.25 9.45 20.05
C ASN B 2 -17.40 9.53 21.33
N SER B 3 -17.73 8.68 22.30
CA SER B 3 -17.10 8.72 23.62
C SER B 3 -15.58 8.59 23.55
N VAL B 4 -15.11 7.63 22.76
CA VAL B 4 -13.69 7.34 22.69
C VAL B 4 -12.95 8.45 21.95
N GLN B 5 -13.55 8.95 20.87
CA GLN B 5 -12.97 10.07 20.15
C GLN B 5 -12.72 11.28 21.05
N GLN B 6 -13.71 11.62 21.86
CA GLN B 6 -13.60 12.74 22.78
C GLN B 6 -12.48 12.53 23.79
N GLN B 7 -12.39 11.31 24.35
CA GLN B 7 -11.32 11.00 25.29
C GLN B 7 -9.94 11.10 24.63
N LEU B 8 -9.80 10.60 23.41
CA LEU B 8 -8.50 10.63 22.72
C LEU B 8 -8.08 12.07 22.39
N GLU B 9 -9.06 12.88 21.99
CA GLU B 9 -8.83 14.30 21.75
C GLU B 9 -8.32 14.98 23.01
N ALA B 10 -8.96 14.69 24.15
CA ALA B 10 -8.52 15.23 25.46
C ALA B 10 -7.09 14.80 25.81
N LEU B 11 -6.81 13.52 25.59
CA LEU B 11 -5.48 12.98 25.85
C LEU B 11 -4.44 13.69 24.98
N GLU B 12 -4.74 13.84 23.69
CA GLU B 12 -3.82 14.53 22.80
C GLU B 12 -3.60 15.99 23.19
N LYS B 13 -4.68 16.69 23.53
CA LYS B 13 -4.60 18.10 23.96
C LYS B 13 -3.67 18.27 25.16
N SER B 14 -3.76 17.33 26.10
CA SER B 14 -2.95 17.32 27.32
C SER B 14 -1.48 17.02 27.07
N SER B 15 -1.20 16.36 25.94
CA SER B 15 0.09 15.72 25.72
C SER B 15 1.22 16.60 25.18
N GLY B 16 0.86 17.71 24.54
CA GLY B 16 1.81 18.54 23.80
C GLY B 16 2.32 17.89 22.53
N GLY B 17 1.59 16.91 22.00
CA GLY B 17 2.04 16.18 20.82
C GLY B 17 0.94 15.77 19.87
N ARG B 18 1.27 14.77 19.05
CA ARG B 18 0.36 14.28 18.02
C ARG B 18 0.23 12.78 18.23
N LEU B 19 -1.02 12.36 18.40
CA LEU B 19 -1.38 10.98 18.74
C LEU B 19 -2.07 10.28 17.57
N GLY B 20 -1.67 9.05 17.30
CA GLY B 20 -2.30 8.25 16.25
C GLY B 20 -2.67 6.90 16.80
N VAL B 21 -3.94 6.54 16.65
CA VAL B 21 -4.47 5.30 17.21
C VAL B 21 -5.28 4.58 16.12
N ALA B 22 -5.06 3.28 15.98
CA ALA B 22 -5.97 2.45 15.18
C ALA B 22 -6.18 1.16 15.95
N LEU B 23 -7.43 0.93 16.37
CA LEU B 23 -7.84 -0.35 16.92
C LEU B 23 -8.75 -1.08 15.94
N ILE B 24 -8.50 -2.37 15.74
CA ILE B 24 -9.44 -3.21 15.00
C ILE B 24 -10.03 -4.22 15.98
N ASN B 25 -11.36 -4.21 16.07
CA ASN B 25 -12.10 -5.21 16.83
C ASN B 25 -12.41 -6.36 15.90
N THR B 26 -11.78 -7.51 16.11
CA THR B 26 -11.93 -8.60 15.16
C THR B 26 -13.27 -9.32 15.24
N ALA B 27 -14.05 -9.04 16.28
CA ALA B 27 -15.43 -9.55 16.41
C ALA B 27 -16.37 -9.08 15.29
N ASP B 28 -16.10 -7.89 14.72
CA ASP B 28 -16.90 -7.34 13.61
C ASP B 28 -16.15 -6.45 12.60
N ASN B 29 -14.83 -6.38 12.74
CA ASN B 29 -13.95 -5.48 11.98
C ASN B 29 -14.30 -3.99 12.11
N SER B 30 -15.05 -3.65 13.16
CA SER B 30 -15.22 -2.25 13.51
C SER B 30 -13.92 -1.72 14.07
N GLN B 31 -13.77 -0.40 14.02
CA GLN B 31 -12.48 0.23 14.32
C GLN B 31 -12.64 1.45 15.20
N ILE B 32 -11.59 1.73 15.97
CA ILE B 32 -11.42 3.03 16.61
C ILE B 32 -10.21 3.68 15.96
N LEU B 33 -10.45 4.86 15.36
CA LEU B 33 -9.44 5.53 14.55
C LEU B 33 -9.25 6.97 15.04
N TYR B 34 -7.99 7.34 15.23
CA TYR B 34 -7.64 8.72 15.60
C TYR B 34 -6.36 9.05 14.88
N ARG B 35 -6.44 10.00 13.94
CA ARG B 35 -5.32 10.32 13.04
C ARG B 35 -4.76 9.05 12.40
N ALA B 36 -5.66 8.11 12.12
CA ALA B 36 -5.23 6.80 11.66
C ALA B 36 -4.73 6.75 10.21
N ASP B 37 -4.98 7.83 9.45
CA ASP B 37 -4.47 7.97 8.09
C ASP B 37 -3.28 8.94 7.99
N GLU B 38 -2.77 9.36 9.13
CA GLU B 38 -1.60 10.24 9.15
C GLU B 38 -0.31 9.43 9.29
N ARG B 39 0.75 9.90 8.65
CA ARG B 39 2.03 9.22 8.75
C ARG B 39 2.74 9.50 10.07
N PHE B 40 3.35 8.46 10.62
CA PHE B 40 4.21 8.53 11.80
C PHE B 40 5.47 7.72 11.52
N ALA B 41 6.59 8.14 12.11
CA ALA B 41 7.81 7.34 12.04
C ALA B 41 7.63 6.05 12.86
N MET B 42 7.90 4.91 12.23
CA MET B 42 7.72 3.60 12.88
C MET B 42 8.74 3.33 13.96
N CYS B 43 9.96 3.81 13.74
CA CYS B 43 11.08 3.46 14.58
C CYS B 43 11.14 1.94 14.71
N SER B 44 11.36 1.41 15.92
CA SER B 44 11.61 -0.03 16.07
C SER B 44 10.36 -0.87 15.79
N THR B 45 9.17 -0.27 15.65
CA THR B 45 7.99 -1.09 15.31
C THR B 45 8.10 -1.65 13.88
N SER B 46 8.99 -1.06 13.08
CA SER B 46 9.23 -1.53 11.70
C SER B 46 9.85 -2.93 11.68
N LYS B 47 10.41 -3.35 12.82
CA LYS B 47 11.09 -4.66 12.90
C LYS B 47 10.14 -5.82 12.67
N VAL B 48 8.85 -5.63 12.94
CA VAL B 48 7.88 -6.70 12.71
C VAL B 48 7.86 -7.08 11.24
N MET B 49 7.99 -6.09 10.36
CA MET B 49 7.92 -6.37 8.93
C MET B 49 9.12 -7.19 8.44
N ALA B 50 10.31 -6.86 8.95
CA ALA B 50 11.53 -7.58 8.59
C ALA B 50 11.51 -9.02 9.11
N ALA B 51 11.13 -9.22 10.38
CA ALA B 51 11.03 -10.54 10.95
C ALA B 51 10.01 -11.39 10.17
N ALA B 52 8.87 -10.77 9.85
CA ALA B 52 7.83 -11.50 9.11
C ALA B 52 8.28 -11.88 7.70
N ALA B 53 9.06 -11.02 7.05
CA ALA B 53 9.60 -11.32 5.72
C ALA B 53 10.45 -12.58 5.74
N VAL B 54 11.29 -12.73 6.75
CA VAL B 54 12.07 -13.95 6.90
C VAL B 54 11.19 -15.17 7.17
N LEU B 55 10.16 -15.00 7.99
CA LEU B 55 9.21 -16.10 8.23
C LEU B 55 8.55 -16.51 6.92
N LYS B 56 8.12 -15.55 6.11
CA LYS B 56 7.59 -15.87 4.78
C LYS B 56 8.55 -16.71 3.93
N GLN B 57 9.82 -16.30 3.89
CA GLN B 57 10.83 -17.06 3.15
C GLN B 57 10.94 -18.50 3.65
N SER B 58 10.80 -18.70 4.96
CA SER B 58 10.92 -20.03 5.57
C SER B 58 9.81 -20.99 5.14
N GLU B 59 8.73 -20.45 4.57
CA GLU B 59 7.64 -21.30 4.10
C GLU B 59 8.09 -22.20 2.96
N SER B 60 9.04 -21.72 2.16
CA SER B 60 9.57 -22.48 1.03
C SER B 60 11.02 -22.90 1.24
N ASP B 61 11.55 -22.66 2.44
CA ASP B 61 12.93 -22.97 2.79
C ASP B 61 12.85 -23.37 4.26
N LYS B 62 12.50 -24.64 4.48
CA LYS B 62 12.06 -25.18 5.76
C LYS B 62 12.97 -24.87 6.95
N HIS B 63 14.28 -24.93 6.73
CA HIS B 63 15.27 -24.79 7.79
C HIS B 63 16.00 -23.45 7.77
N LEU B 64 15.47 -22.50 7.01
CA LEU B 64 16.04 -21.16 6.91
C LEU B 64 16.32 -20.52 8.28
N LEU B 65 15.43 -20.72 9.25
CA LEU B 65 15.59 -20.07 10.56
C LEU B 65 16.80 -20.58 11.34
N ASN B 66 17.30 -21.75 10.96
CA ASN B 66 18.49 -22.34 11.57
C ASN B 66 19.80 -21.87 10.94
N GLN B 67 19.70 -21.14 9.83
CA GLN B 67 20.88 -20.65 9.10
C GLN B 67 21.61 -19.61 9.92
N ARG B 68 22.94 -19.72 9.94
CA ARG B 68 23.78 -18.86 10.75
C ARG B 68 24.33 -17.65 10.01
N VAL B 69 24.37 -16.55 10.76
CA VAL B 69 24.82 -15.27 10.26
C VAL B 69 25.97 -14.80 11.15
N GLU B 70 27.09 -14.41 10.56
CA GLU B 70 28.21 -13.88 11.34
C GLU B 70 27.95 -12.46 11.83
N ILE B 71 28.28 -12.21 13.09
CA ILE B 71 28.21 -10.88 13.65
C ILE B 71 29.64 -10.33 13.76
N LYS B 72 29.85 -9.14 13.19
CA LYS B 72 31.16 -8.49 13.22
C LYS B 72 31.09 -7.24 14.07
N LYS B 73 32.25 -6.75 14.47
CA LYS B 73 32.33 -5.53 15.27
C LYS B 73 31.68 -4.38 14.51
N SER B 74 31.94 -4.33 13.20
CA SER B 74 31.40 -3.27 12.33
C SER B 74 29.88 -3.28 12.25
N ASP B 75 29.26 -4.41 12.60
CA ASP B 75 27.80 -4.52 12.54
C ASP B 75 27.11 -3.80 13.68
N LEU B 76 27.81 -3.61 14.79
CA LEU B 76 27.24 -3.01 15.99
C LEU B 76 26.89 -1.54 15.77
N VAL B 77 25.67 -1.20 16.15
CA VAL B 77 25.19 0.17 16.05
C VAL B 77 24.95 0.78 17.44
N ASN B 78 23.80 1.41 17.66
CA ASN B 78 23.57 2.17 18.89
C ASN B 78 22.93 1.40 20.05
N TYR B 79 22.33 0.26 19.74
CA TYR B 79 21.60 -0.51 20.74
C TYR B 79 21.55 -1.97 20.32
N ASN B 80 22.38 -2.77 20.96
CA ASN B 80 22.68 -4.11 20.46
C ASN B 80 22.77 -5.14 21.60
N PRO B 81 21.73 -5.25 22.45
CA PRO B 81 21.90 -6.01 23.70
C PRO B 81 22.16 -7.49 23.51
N ILE B 82 21.72 -8.06 22.39
CA ILE B 82 21.94 -9.48 22.12
C ILE B 82 23.12 -9.68 21.17
N ALA B 83 23.13 -8.95 20.06
CA ALA B 83 24.19 -9.12 19.06
C ALA B 83 25.58 -8.84 19.63
N GLU B 84 25.70 -7.91 20.58
CA GLU B 84 27.02 -7.63 21.15
C GLU B 84 27.62 -8.85 21.85
N LYS B 85 26.76 -9.77 22.31
CA LYS B 85 27.23 -10.99 22.98
C LYS B 85 27.84 -11.97 22.01
N HIS B 86 27.53 -11.79 20.73
CA HIS B 86 27.90 -12.72 19.66
C HIS B 86 28.88 -12.16 18.64
N VAL B 87 29.52 -11.03 18.95
CA VAL B 87 30.50 -10.45 18.04
C VAL B 87 31.64 -11.46 17.79
N ASN B 88 31.99 -11.61 16.53
CA ASN B 88 32.94 -12.62 16.06
C ASN B 88 32.48 -14.06 16.32
N GLY B 89 31.17 -14.19 16.47
CA GLY B 89 30.50 -15.49 16.50
C GLY B 89 29.35 -15.40 15.52
N THR B 90 28.29 -16.16 15.79
CA THR B 90 27.15 -16.20 14.87
C THR B 90 25.85 -16.15 15.63
N MET B 91 24.79 -15.79 14.90
CA MET B 91 23.42 -15.95 15.39
C MET B 91 22.62 -16.59 14.28
N THR B 92 21.68 -17.47 14.63
CA THR B 92 20.79 -17.99 13.62
C THR B 92 19.78 -16.91 13.22
N LEU B 93 19.15 -17.08 12.06
CA LEU B 93 18.07 -16.19 11.67
C LEU B 93 16.92 -16.17 12.69
N ALA B 94 16.58 -17.31 13.28
CA ALA B 94 15.59 -17.34 14.37
C ALA B 94 16.03 -16.46 15.52
N GLU B 95 17.30 -16.58 15.92
CA GLU B 95 17.85 -15.77 17.00
C GLU B 95 17.84 -14.28 16.65
N LEU B 96 18.09 -13.95 15.39
CA LEU B 96 18.04 -12.55 14.95
C LEU B 96 16.61 -12.02 15.01
N GLY B 97 15.64 -12.82 14.56
CA GLY B 97 14.23 -12.43 14.66
C GLY B 97 13.82 -12.21 16.10
N ALA B 98 14.17 -13.14 16.99
CA ALA B 98 13.82 -13.03 18.41
C ALA B 98 14.51 -11.83 19.05
N ALA B 99 15.79 -11.61 18.75
CA ALA B 99 16.51 -10.47 19.32
C ALA B 99 15.92 -9.13 18.84
N ALA B 100 15.63 -9.04 17.54
CA ALA B 100 15.06 -7.83 16.97
C ALA B 100 13.70 -7.53 17.60
N LEU B 101 12.86 -8.55 17.77
CA LEU B 101 11.51 -8.29 18.27
C LEU B 101 11.42 -8.21 19.80
N GLN B 102 12.14 -9.07 20.50
CA GLN B 102 11.95 -9.19 21.95
C GLN B 102 12.84 -8.29 22.78
N TYR B 103 13.99 -7.92 22.23
CA TYR B 103 14.94 -7.03 22.91
C TYR B 103 15.15 -5.73 22.14
N SER B 104 14.49 -5.62 20.98
CA SER B 104 14.65 -4.50 20.05
C SER B 104 16.13 -4.22 19.72
N ASP B 105 16.81 -5.27 19.31
CA ASP B 105 18.22 -5.18 18.98
C ASP B 105 18.36 -4.60 17.58
N ASN B 106 18.97 -3.43 17.48
CA ASN B 106 19.11 -2.74 16.19
C ASN B 106 20.13 -3.38 15.26
N THR B 107 21.14 -4.04 15.82
CA THR B 107 22.06 -4.82 14.98
C THR B 107 21.31 -6.00 14.34
N ALA B 108 20.51 -6.70 15.15
CA ALA B 108 19.73 -7.80 14.62
C ALA B 108 18.83 -7.34 13.48
N MET B 109 18.18 -6.18 13.65
CA MET B 109 17.38 -5.60 12.57
C MET B 109 18.24 -5.37 11.31
N ASN B 110 19.43 -4.79 11.47
CA ASN B 110 20.29 -4.60 10.30
C ASN B 110 20.67 -5.89 9.58
N LYS B 111 20.93 -6.95 10.35
CA LYS B 111 21.23 -8.24 9.76
C LYS B 111 20.04 -8.75 8.97
N LEU B 112 18.83 -8.54 9.50
CA LEU B 112 17.63 -8.95 8.77
C LEU B 112 17.45 -8.14 7.49
N ILE B 113 17.61 -6.83 7.60
CA ILE B 113 17.51 -5.95 6.43
C ILE B 113 18.49 -6.37 5.33
N ALA B 114 19.75 -6.59 5.72
CA ALA B 114 20.80 -7.00 4.77
C ALA B 114 20.49 -8.33 4.10
N HIS B 115 20.07 -9.31 4.90
CA HIS B 115 19.69 -10.62 4.40
C HIS B 115 18.60 -10.50 3.34
N LEU B 116 17.61 -9.64 3.60
CA LEU B 116 16.44 -9.48 2.74
C LEU B 116 16.74 -8.66 1.49
N GLY B 117 17.86 -7.96 1.48
CA GLY B 117 18.25 -7.20 0.30
C GLY B 117 18.14 -5.70 0.43
N GLY B 118 17.86 -5.22 1.65
CA GLY B 118 17.86 -3.78 1.92
C GLY B 118 16.48 -3.27 2.31
N PRO B 119 16.40 -2.00 2.74
CA PRO B 119 15.10 -1.47 3.17
C PRO B 119 14.03 -1.52 2.07
N ASP B 120 14.45 -1.32 0.82
CA ASP B 120 13.55 -1.43 -0.33
C ASP B 120 12.87 -2.80 -0.43
N LYS B 121 13.60 -3.85 -0.07
CA LYS B 121 13.06 -5.20 -0.13
C LYS B 121 12.16 -5.53 1.06
N VAL B 122 12.39 -4.86 2.18
CA VAL B 122 11.44 -4.98 3.30
C VAL B 122 10.10 -4.33 2.88
N THR B 123 10.21 -3.16 2.24
CA THR B 123 9.04 -2.49 1.68
C THR B 123 8.32 -3.38 0.66
N ALA B 124 9.07 -4.04 -0.22
CA ALA B 124 8.45 -4.92 -1.20
C ALA B 124 7.67 -6.04 -0.53
N PHE B 125 8.19 -6.56 0.59
CA PHE B 125 7.45 -7.60 1.31
C PHE B 125 6.13 -7.04 1.85
N ALA B 126 6.18 -5.85 2.44
CA ALA B 126 4.93 -5.19 2.88
C ALA B 126 3.90 -5.08 1.74
N ARG B 127 4.35 -4.65 0.56
CA ARG B 127 3.45 -4.54 -0.60
C ARG B 127 2.82 -5.88 -0.96
N SER B 128 3.61 -6.96 -0.85
CA SER B 128 3.10 -8.30 -1.18
C SER B 128 1.96 -8.76 -0.24
N LEU B 129 1.88 -8.14 0.94
CA LEU B 129 0.82 -8.43 1.90
C LEU B 129 -0.39 -7.51 1.73
N GLY B 130 -0.29 -6.56 0.80
CA GLY B 130 -1.36 -5.60 0.58
C GLY B 130 -1.23 -4.32 1.40
N ASP B 131 -0.09 -4.17 2.10
CA ASP B 131 0.22 -2.92 2.78
C ASP B 131 0.85 -1.96 1.76
N GLU B 132 0.06 -0.95 1.42
CA GLU B 132 0.42 0.03 0.39
C GLU B 132 1.14 1.24 0.96
N THR B 133 1.24 1.28 2.29
CA THR B 133 1.57 2.48 3.04
C THR B 133 2.96 2.46 3.66
N PHE B 134 3.27 1.33 4.31
CA PHE B 134 4.57 1.09 4.92
C PHE B 134 5.69 1.44 3.95
N ARG B 135 6.69 2.18 4.43
CA ARG B 135 7.93 2.38 3.67
C ARG B 135 9.12 2.36 4.62
N LEU B 136 10.09 1.51 4.31
CA LEU B 136 11.38 1.52 4.99
C LEU B 136 12.40 2.03 4.00
N ASP B 137 13.13 3.06 4.43
CA ASP B 137 14.06 3.77 3.56
C ASP B 137 15.50 3.68 4.03
N ARG B 138 15.69 3.57 5.34
CA ARG B 138 17.03 3.61 5.93
C ARG B 138 17.28 2.39 6.78
N THR B 139 18.56 2.18 7.09
CA THR B 139 18.97 1.14 8.02
C THR B 139 19.02 1.72 9.44
N GLU B 140 19.36 0.86 10.40
CA GLU B 140 19.64 1.30 11.76
C GLU B 140 21.00 1.98 11.84
N PRO B 141 21.13 3.05 12.64
CA PRO B 141 20.12 3.64 13.52
C PRO B 141 19.34 4.83 12.93
N THR B 142 19.67 5.24 11.71
CA THR B 142 19.09 6.48 11.19
C THR B 142 17.58 6.41 10.91
N LEU B 143 17.02 5.19 10.80
CA LEU B 143 15.60 5.07 10.53
C LEU B 143 14.72 5.58 11.70
N ASN B 144 15.35 5.87 12.85
CA ASN B 144 14.67 6.40 14.04
C ASN B 144 14.71 7.92 14.24
N THR B 145 15.15 8.67 13.22
CA THR B 145 15.25 10.14 13.37
C THR B 145 13.91 10.79 13.67
N ALA B 146 12.84 10.25 13.09
CA ALA B 146 11.44 10.65 13.39
C ALA B 146 11.18 12.15 13.26
N ILE B 147 11.74 12.73 12.21
CA ILE B 147 11.63 14.17 12.00
C ILE B 147 10.21 14.52 11.53
N PRO B 148 9.55 15.50 12.15
CA PRO B 148 8.19 15.83 11.74
C PRO B 148 8.10 16.12 10.24
N GLY B 149 7.14 15.47 9.59
CA GLY B 149 6.93 15.71 8.17
C GLY B 149 7.83 14.95 7.19
N ASP B 150 8.78 14.18 7.73
CA ASP B 150 9.70 13.33 6.96
C ASP B 150 8.99 12.02 6.65
N PRO B 151 8.79 11.69 5.36
CA PRO B 151 8.05 10.47 5.01
C PRO B 151 8.88 9.20 5.12
N ARG B 152 10.19 9.35 5.28
CA ARG B 152 11.05 8.15 5.36
C ARG B 152 10.70 7.30 6.58
N ASP B 153 10.62 5.98 6.38
CA ASP B 153 10.48 5.02 7.50
C ASP B 153 9.20 5.26 8.28
N THR B 154 8.12 5.51 7.53
CA THR B 154 6.82 5.81 8.11
C THR B 154 5.75 4.81 7.67
N THR B 155 4.67 4.81 8.45
CA THR B 155 3.42 4.22 8.03
C THR B 155 2.28 4.98 8.72
N THR B 156 1.05 4.54 8.51
CA THR B 156 -0.08 5.10 9.24
C THR B 156 -0.53 4.10 10.31
N PRO B 157 -1.23 4.59 11.35
CA PRO B 157 -1.72 3.63 12.35
C PRO B 157 -2.67 2.59 11.73
N LEU B 158 -3.54 3.01 10.81
CA LEU B 158 -4.48 2.06 10.20
C LEU B 158 -3.74 1.02 9.35
N ALA B 159 -2.80 1.45 8.52
CA ALA B 159 -2.05 0.51 7.70
C ALA B 159 -1.32 -0.52 8.56
N MET B 160 -0.69 -0.06 9.62
CA MET B 160 0.05 -0.97 10.49
C MET B 160 -0.90 -1.88 11.29
N ALA B 161 -2.07 -1.39 11.68
CA ALA B 161 -3.02 -2.27 12.40
C ALA B 161 -3.54 -3.35 11.46
N GLN B 162 -3.86 -2.97 10.22
CA GLN B 162 -4.29 -3.95 9.24
C GLN B 162 -3.23 -5.00 9.00
N THR B 163 -1.98 -4.56 8.85
CA THR B 163 -0.90 -5.49 8.55
C THR B 163 -0.61 -6.39 9.75
N LEU B 164 -0.59 -5.82 10.95
CA LEU B 164 -0.34 -6.61 12.14
C LEU B 164 -1.41 -7.69 12.29
N LYS B 165 -2.67 -7.31 12.04
CA LYS B 165 -3.76 -8.27 12.04
C LYS B 165 -3.56 -9.37 11.01
N ASN B 166 -3.24 -8.99 9.79
CA ASN B 166 -3.03 -9.97 8.72
C ASN B 166 -1.88 -10.94 9.05
N LEU B 167 -0.81 -10.41 9.63
CA LEU B 167 0.35 -11.20 10.02
C LEU B 167 0.10 -12.17 11.18
N THR B 168 -0.62 -11.71 12.20
CA THR B 168 -0.72 -12.46 13.44
C THR B 168 -1.99 -13.30 13.53
N LEU B 169 -3.02 -12.90 12.79
CA LEU B 169 -4.32 -13.57 12.88
C LEU B 169 -4.87 -13.97 11.53
N GLY B 170 -4.36 -13.36 10.47
CA GLY B 170 -4.88 -13.57 9.14
C GLY B 170 -4.02 -14.45 8.27
N LYS B 171 -4.08 -14.21 6.95
CA LYS B 171 -3.55 -15.14 5.97
C LYS B 171 -2.18 -14.78 5.42
N ALA B 172 -1.54 -13.76 5.99
CA ALA B 172 -0.25 -13.30 5.45
C ALA B 172 0.83 -14.38 5.52
N LEU B 173 0.83 -15.14 6.61
CA LEU B 173 1.79 -16.23 6.79
C LEU B 173 1.06 -17.57 6.91
N ALA B 174 1.73 -18.63 6.49
CA ALA B 174 1.22 -19.97 6.75
C ALA B 174 1.18 -20.22 8.26
N GLU B 175 0.40 -21.20 8.69
CA GLU B 175 0.09 -21.35 10.10
C GLU B 175 1.31 -21.45 11.03
N THR B 176 2.29 -22.28 10.67
CA THR B 176 3.44 -22.45 11.56
C THR B 176 4.20 -21.14 11.73
N GLN B 177 4.34 -20.40 10.63
CA GLN B 177 5.04 -19.13 10.66
C GLN B 177 4.26 -18.06 11.40
N ARG B 178 2.95 -18.02 11.21
CA ARG B 178 2.08 -17.13 11.98
C ARG B 178 2.23 -17.38 13.47
N ALA B 179 2.18 -18.65 13.87
CA ALA B 179 2.31 -19.01 15.26
C ALA B 179 3.66 -18.60 15.83
N GLN B 180 4.71 -18.74 15.02
CA GLN B 180 6.07 -18.31 15.41
C GLN B 180 6.13 -16.80 15.65
N LEU B 181 5.49 -16.01 14.78
CA LEU B 181 5.46 -14.56 14.99
C LEU B 181 4.73 -14.19 16.29
N VAL B 182 3.62 -14.85 16.57
CA VAL B 182 2.85 -14.61 17.79
C VAL B 182 3.67 -14.98 19.04
N THR B 183 4.36 -16.12 18.96
CA THR B 183 5.27 -16.54 20.04
C THR B 183 6.32 -15.47 20.30
N TRP B 184 6.94 -14.95 19.24
CA TRP B 184 7.91 -13.90 19.44
C TRP B 184 7.31 -12.64 20.10
N LEU B 185 6.16 -12.18 19.61
CA LEU B 185 5.56 -10.95 20.10
C LEU B 185 5.10 -11.08 21.56
N LYS B 186 4.59 -12.27 21.91
CA LYS B 186 4.15 -12.51 23.28
C LYS B 186 5.31 -12.49 24.25
N GLY B 187 6.51 -12.80 23.75
CA GLY B 187 7.73 -12.80 24.57
C GLY B 187 8.49 -11.48 24.62
N ASN B 188 7.88 -10.41 24.08
CA ASN B 188 8.55 -9.11 24.15
C ASN B 188 8.91 -8.70 25.57
N THR B 189 10.10 -8.12 25.73
CA THR B 189 10.58 -7.71 27.05
C THR B 189 10.54 -6.21 27.29
N THR B 190 10.18 -5.42 26.28
CA THR B 190 10.33 -3.97 26.37
C THR B 190 8.99 -3.21 26.46
N GLY B 191 7.89 -3.94 26.59
CA GLY B 191 6.58 -3.34 26.45
C GLY B 191 5.75 -3.10 27.69
N SER B 192 6.30 -3.35 28.87
CA SER B 192 5.46 -3.38 30.07
C SER B 192 4.86 -2.02 30.45
N ALA B 193 5.52 -0.94 30.06
CA ALA B 193 5.04 0.41 30.38
C ALA B 193 4.18 1.04 29.27
N SER B 194 3.99 0.32 28.17
CA SER B 194 3.32 0.90 27.00
C SER B 194 1.88 0.41 26.91
N ILE B 195 1.45 -0.14 25.76
CA ILE B 195 0.07 -0.64 25.63
C ILE B 195 -0.32 -1.58 26.80
N ARG B 196 0.57 -2.51 27.13
CA ARG B 196 0.32 -3.46 28.20
C ARG B 196 -0.12 -2.82 29.51
N ALA B 197 0.44 -1.65 29.81
CA ALA B 197 0.15 -0.98 31.09
C ALA B 197 -1.30 -0.47 31.16
N GLY B 198 -1.94 -0.27 30.01
CA GLY B 198 -3.32 0.21 29.98
C GLY B 198 -4.38 -0.88 29.94
N LEU B 199 -3.95 -2.13 29.93
CA LEU B 199 -4.86 -3.25 29.70
C LEU B 199 -5.15 -4.04 30.96
N PRO B 200 -6.34 -4.66 31.04
CA PRO B 200 -6.65 -5.52 32.17
C PRO B 200 -5.60 -6.62 32.33
N LYS B 201 -5.23 -6.87 33.57
CA LYS B 201 -4.10 -7.75 33.87
C LYS B 201 -4.27 -9.20 33.41
N SER B 202 -5.50 -9.63 33.12
CA SER B 202 -5.81 -11.00 32.73
C SER B 202 -5.73 -11.26 31.21
N TRP B 203 -5.49 -10.21 30.44
CA TRP B 203 -5.46 -10.31 28.99
C TRP B 203 -4.05 -10.68 28.55
N VAL B 204 -3.98 -11.44 27.46
CA VAL B 204 -2.68 -11.84 26.90
C VAL B 204 -2.34 -10.86 25.77
N VAL B 205 -1.07 -10.49 25.67
CA VAL B 205 -0.65 -9.45 24.72
C VAL B 205 0.66 -9.85 24.03
N GLY B 206 0.73 -9.63 22.72
CA GLY B 206 1.99 -9.64 21.99
C GLY B 206 2.19 -8.24 21.43
N ASP B 207 3.38 -7.67 21.59
CA ASP B 207 3.58 -6.29 21.14
C ASP B 207 4.99 -6.04 20.67
N LYS B 208 5.15 -4.92 19.96
CA LYS B 208 6.48 -4.41 19.58
C LYS B 208 6.49 -2.90 19.75
N THR B 209 7.38 -2.42 20.63
CA THR B 209 7.54 -1.00 20.91
C THR B 209 8.51 -0.33 19.93
N GLY B 210 8.59 0.98 20.02
CA GLY B 210 9.63 1.73 19.37
C GLY B 210 9.72 3.12 19.95
N SER B 211 10.85 3.77 19.79
N SER B 211 10.88 3.75 19.79
CA SER B 211 10.97 5.16 20.15
CA SER B 211 11.13 5.11 20.26
C SER B 211 12.02 5.81 19.28
C SER B 211 12.02 5.82 19.24
N GLY B 212 12.02 7.14 19.28
CA GLY B 212 12.87 7.90 18.41
C GLY B 212 13.09 9.28 18.96
N ASP B 213 13.79 10.09 18.18
CA ASP B 213 13.89 11.50 18.49
C ASP B 213 12.48 12.12 18.41
N TYR B 214 12.36 13.38 18.79
CA TYR B 214 11.05 14.05 18.81
C TYR B 214 10.08 13.38 19.80
N GLY B 215 10.66 12.78 20.85
CA GLY B 215 9.88 12.13 21.90
C GLY B 215 8.94 11.09 21.32
N THR B 216 9.35 10.48 20.22
CA THR B 216 8.49 9.55 19.49
C THR B 216 8.39 8.27 20.34
N THR B 217 7.16 7.84 20.58
CA THR B 217 6.87 6.76 21.51
C THR B 217 5.78 5.90 20.86
N ASN B 218 6.12 4.65 20.53
CA ASN B 218 5.26 3.82 19.70
C ASN B 218 5.03 2.44 20.29
N ASP B 219 3.94 1.80 19.92
CA ASP B 219 3.72 0.41 20.29
C ASP B 219 2.65 -0.13 19.38
N ILE B 220 2.81 -1.40 18.98
CA ILE B 220 1.79 -2.10 18.20
C ILE B 220 1.53 -3.44 18.87
N ALA B 221 0.27 -3.85 18.99
CA ALA B 221 -0.07 -5.00 19.77
C ALA B 221 -1.20 -5.80 19.19
N VAL B 222 -1.13 -7.10 19.42
CA VAL B 222 -2.28 -7.97 19.27
C VAL B 222 -2.67 -8.39 20.69
N ILE B 223 -3.97 -8.36 20.94
CA ILE B 223 -4.51 -8.45 22.28
C ILE B 223 -5.58 -9.52 22.31
N TRP B 224 -5.47 -10.43 23.27
CA TRP B 224 -6.44 -11.50 23.45
C TRP B 224 -7.18 -11.28 24.77
N PRO B 225 -8.36 -10.65 24.71
CA PRO B 225 -9.13 -10.40 25.91
C PRO B 225 -9.71 -11.68 26.49
N GLU B 226 -9.96 -11.63 27.79
CA GLU B 226 -10.86 -12.57 28.41
C GLU B 226 -12.20 -12.50 27.69
N ASN B 227 -12.70 -13.67 27.30
CA ASN B 227 -14.08 -13.83 26.88
C ASN B 227 -14.49 -13.02 25.64
N HIS B 228 -13.52 -12.72 24.76
CA HIS B 228 -13.84 -11.95 23.57
C HIS B 228 -12.80 -12.22 22.51
N ALA B 229 -13.17 -11.94 21.27
CA ALA B 229 -12.27 -12.00 20.12
C ALA B 229 -11.10 -11.01 20.27
N PRO B 230 -9.98 -11.29 19.59
CA PRO B 230 -8.82 -10.41 19.63
C PRO B 230 -9.07 -8.98 19.15
N LEU B 231 -8.27 -8.07 19.72
CA LEU B 231 -8.18 -6.69 19.27
C LEU B 231 -6.77 -6.47 18.75
N VAL B 232 -6.62 -5.67 17.70
CA VAL B 232 -5.31 -5.28 17.19
C VAL B 232 -5.19 -3.76 17.35
N LEU B 233 -4.11 -3.30 17.97
CA LEU B 233 -3.99 -1.90 18.38
C LEU B 233 -2.64 -1.33 18.01
N VAL B 234 -2.65 -0.16 17.36
CA VAL B 234 -1.45 0.63 17.09
C VAL B 234 -1.61 1.97 17.82
N THR B 235 -0.63 2.32 18.64
CA THR B 235 -0.58 3.63 19.31
C THR B 235 0.76 4.26 18.96
N TYR B 236 0.73 5.34 18.18
CA TYR B 236 1.90 6.08 17.78
C TYR B 236 1.79 7.48 18.38
N PHE B 237 2.89 8.01 18.90
CA PHE B 237 2.87 9.33 19.52
C PHE B 237 4.17 10.04 19.20
N THR B 238 4.09 11.34 18.92
CA THR B 238 5.30 12.09 18.61
C THR B 238 5.10 13.56 18.98
N GLN B 239 6.21 14.28 19.12
CA GLN B 239 6.21 15.62 19.71
C GLN B 239 7.02 16.59 18.84
N PRO B 240 6.80 17.91 19.00
CA PRO B 240 7.45 18.88 18.10
C PRO B 240 8.93 19.19 18.35
N GLU B 241 9.43 18.92 19.55
CA GLU B 241 10.82 19.23 19.88
C GLU B 241 11.71 18.00 19.77
N GLN B 242 12.86 18.16 19.14
CA GLN B 242 13.77 17.04 18.92
C GLN B 242 14.14 16.30 20.21
N LYS B 243 14.31 17.04 21.31
CA LYS B 243 14.77 16.45 22.57
C LYS B 243 13.62 16.13 23.53
N ALA B 244 12.38 16.09 23.01
CA ALA B 244 11.24 15.78 23.86
C ALA B 244 11.37 14.45 24.58
N GLU B 245 10.83 14.37 25.79
CA GLU B 245 10.90 13.17 26.61
C GLU B 245 9.98 12.07 26.05
N ARG B 246 10.38 10.83 26.27
CA ARG B 246 9.54 9.65 25.98
C ARG B 246 8.25 9.69 26.79
N ARG B 247 7.15 9.26 26.19
CA ARG B 247 5.85 9.30 26.87
C ARG B 247 5.10 7.98 26.75
N ARG B 248 5.66 6.92 27.32
CA ARG B 248 4.99 5.62 27.31
C ARG B 248 3.63 5.68 28.00
N ASP B 249 3.49 6.58 28.97
CA ASP B 249 2.24 6.74 29.70
C ASP B 249 1.08 7.18 28.79
N ILE B 250 1.38 7.93 27.73
CA ILE B 250 0.36 8.32 26.76
C ILE B 250 -0.18 7.09 26.01
N LEU B 251 0.71 6.17 25.65
CA LEU B 251 0.31 4.92 24.98
C LEU B 251 -0.54 4.05 25.91
N ALA B 252 -0.13 3.94 27.17
CA ALA B 252 -0.88 3.18 28.16
C ALA B 252 -2.29 3.79 28.30
N ALA B 253 -2.38 5.11 28.37
CA ALA B 253 -3.69 5.79 28.48
C ALA B 253 -4.55 5.53 27.25
N ALA B 254 -3.93 5.65 26.07
CA ALA B 254 -4.69 5.42 24.85
C ALA B 254 -5.23 3.98 24.82
N ALA B 255 -4.40 3.02 25.20
CA ALA B 255 -4.83 1.60 25.23
C ALA B 255 -6.00 1.40 26.18
N LYS B 256 -5.91 2.00 27.36
CA LYS B 256 -7.01 1.95 28.35
C LYS B 256 -8.32 2.50 27.77
N ILE B 257 -8.22 3.65 27.12
CA ILE B 257 -9.39 4.35 26.58
C ILE B 257 -10.10 3.49 25.52
N VAL B 258 -9.32 2.88 24.63
CA VAL B 258 -9.93 2.23 23.45
C VAL B 258 -10.34 0.78 23.68
N THR B 259 -9.83 0.14 24.72
CA THR B 259 -10.15 -1.27 24.97
C THR B 259 -11.13 -1.47 26.11
N HIS B 260 -11.52 -0.40 26.79
CA HIS B 260 -12.46 -0.53 27.90
C HIS B 260 -13.83 -0.94 27.36
N GLY B 261 -14.53 -1.76 28.13
CA GLY B 261 -15.82 -2.29 27.69
C GLY B 261 -15.72 -3.57 26.90
N PHE B 262 -14.48 -4.03 26.65
CA PHE B 262 -14.26 -5.37 26.12
C PHE B 262 -14.01 -6.34 27.26
C1 OP0 C . 1.73 6.89 -13.56
O8 OP0 C . 0.77 7.69 -13.52
N14 OP0 C . 2.96 7.20 -13.10
C2 OP0 C . 3.16 8.56 -12.53
C3 OP0 C . 4.46 9.21 -12.94
N15 OP0 C . 4.58 10.49 -12.55
O9 OP0 C . 5.34 8.62 -13.58
C7 OP0 C . 3.85 6.14 -12.57
C6 OP0 C . 3.55 6.01 -11.05
C5 OP0 C . 3.87 7.37 -10.36
C4 OP0 C . 3.03 8.48 -11.01
N16 OP0 C . 2.14 5.68 -10.89
S17 OP0 C . 0.34 5.76 -9.19
O10 OP0 C . 1.80 5.43 -9.55
O13 OP0 C . 0.22 5.17 -7.89
O12 OP0 C . 0.22 7.18 -9.18
O11 OP0 C . -0.41 5.04 -10.16
C22 OP0 C . 5.31 13.44 -13.55
C23 OP0 C . 5.71 12.02 -14.02
O24 OP0 C . 5.77 11.19 -12.83
C1 EDO D . -4.58 17.06 -20.51
O1 EDO D . -3.30 16.76 -21.08
C2 EDO D . -5.73 16.83 -21.48
O2 EDO D . -5.50 17.54 -22.70
C1 OP0 E . 13.58 1.36 18.19
O8 OP0 E . 12.63 2.17 18.22
N14 OP0 E . 14.83 1.65 18.68
C2 OP0 E . 15.02 3.01 19.26
C3 OP0 E . 16.38 3.63 18.92
N15 OP0 E . 16.53 4.87 19.40
O9 OP0 E . 17.24 3.03 18.29
C7 OP0 E . 15.71 0.59 19.21
C6 OP0 E . 15.35 0.43 20.71
C5 OP0 E . 15.60 1.77 21.45
C4 OP0 E . 14.82 2.93 20.78
N16 OP0 E . 13.94 0.07 20.82
S17 OP0 E . 12.08 0.21 22.47
O10 OP0 E . 13.55 -0.20 22.14
O13 OP0 E . 11.89 -0.34 23.78
O12 OP0 E . 12.03 1.62 22.42
O11 OP0 E . 11.34 -0.45 21.47
C22 OP0 E . 17.33 7.80 18.46
C23 OP0 E . 17.71 6.38 17.98
O24 OP0 E . 17.74 5.52 19.15
C1 EDO F . 7.41 11.67 11.29
O1 EDO F . 8.71 11.31 10.76
C2 EDO F . 6.29 11.34 10.31
O2 EDO F . 6.41 12.19 9.15
#